data_8POS
#
_entry.id   8POS
#
_cell.length_a   52.147
_cell.length_b   52.147
_cell.length_c   273.558
_cell.angle_alpha   90
_cell.angle_beta   90
_cell.angle_gamma   90
#
_symmetry.space_group_name_H-M   'P 43 21 2'
#
loop_
_entity.id
_entity.type
_entity.pdbx_description
1 polymer 'Leucine--tRNA ligase'
2 non-polymer "[(1R,3'S,5S,6R,8R)-3'-(aminomethyl)-8-(6-aminopurin-9-yl)-4'-bromanyl-7'-[3-[methyl-(phenylmethyl)amino]propoxy]spiro[2,4,7-trioxa-3$l^{4}-borabicyclo[3.3.0]octane-3,1'-3H-2,1$l^{4}-benzoxaborole]-6-yl]methyl dihydrogen phosphate"
3 non-polymer 'SULFATE ION'
4 water water
#
_entity_poly.entity_id   1
_entity_poly.type   'polypeptide(L)'
_entity_poly.pdbx_seq_one_letter_code
;GAMGKSEGVTIEFKIVGLNKKLKVFTTCPHTLFGASFCAVAIEHPIVQDLMSKEIQDLISSIKIQGKNNEKVGIYTGLNV
KHPFLDKELPLYVANFVLMEYREGAIFGCPAHDQRDFEFAQEYDLPIIPVISSARLGIEEYTNNSIMFNSEFLNGLTVSE
ARKVIVEKLEEKGIGKKTI
;
_entity_poly.pdbx_strand_id   A,B
#
# COMPACT_ATOMS: atom_id res chain seq x y z
N SER A 6 28.58 -8.04 6.81
CA SER A 6 30.01 -7.74 6.91
C SER A 6 30.27 -7.09 8.28
N GLU A 7 29.63 -5.93 8.57
CA GLU A 7 29.71 -5.16 9.82
C GLU A 7 28.53 -4.17 9.79
N GLY A 8 27.42 -4.51 10.43
CA GLY A 8 26.25 -3.63 10.40
C GLY A 8 25.54 -3.33 11.70
N VAL A 9 24.23 -3.03 11.60
CA VAL A 9 23.36 -2.67 12.72
CA VAL A 9 23.36 -2.67 12.72
C VAL A 9 22.05 -3.46 12.67
N THR A 10 21.55 -3.91 13.83
CA THR A 10 20.30 -4.67 13.93
C THR A 10 19.23 -3.69 14.39
N ILE A 11 18.10 -3.59 13.66
CA ILE A 11 17.00 -2.68 13.99
C ILE A 11 15.70 -3.41 14.26
N GLU A 12 15.00 -3.05 15.36
CA GLU A 12 13.69 -3.61 15.72
C GLU A 12 12.54 -2.75 15.19
N PHE A 13 11.56 -3.38 14.52
CA PHE A 13 10.37 -2.71 13.98
C PHE A 13 9.12 -3.24 14.71
N LYS A 14 8.20 -2.36 15.11
CA LYS A 14 6.98 -2.79 15.80
C LYS A 14 5.99 -3.28 14.76
N ILE A 15 5.46 -4.49 14.93
CA ILE A 15 4.46 -5.02 13.99
C ILE A 15 3.11 -4.44 14.36
N VAL A 16 2.49 -3.69 13.41
CA VAL A 16 1.22 -2.96 13.56
C VAL A 16 0.04 -3.84 13.99
N GLY A 17 -0.66 -3.43 15.04
CA GLY A 17 -1.84 -4.13 15.56
C GLY A 17 -1.53 -5.41 16.32
N LEU A 18 -0.30 -5.54 16.83
CA LEU A 18 0.14 -6.72 17.55
C LEU A 18 1.25 -6.36 18.55
N ASN A 19 1.53 -7.27 19.51
CA ASN A 19 2.63 -7.07 20.45
C ASN A 19 3.91 -7.81 19.97
N LYS A 20 4.10 -7.91 18.66
CA LYS A 20 5.25 -8.60 18.10
C LYS A 20 6.21 -7.63 17.42
N LYS A 21 7.48 -7.99 17.36
CA LYS A 21 8.52 -7.16 16.74
C LYS A 21 9.26 -7.93 15.64
N LEU A 22 9.93 -7.19 14.74
CA LEU A 22 10.71 -7.76 13.65
C LEU A 22 12.12 -7.20 13.72
N LYS A 23 13.14 -8.08 13.80
CA LYS A 23 14.53 -7.62 13.80
C LYS A 23 15.10 -7.74 12.40
N VAL A 24 15.66 -6.65 11.87
CA VAL A 24 16.26 -6.65 10.52
C VAL A 24 17.76 -6.26 10.62
N PHE A 25 18.60 -6.70 9.68
CA PHE A 25 20.02 -6.35 9.66
C PHE A 25 20.35 -5.45 8.46
N THR A 26 21.14 -4.37 8.65
CA THR A 26 21.53 -3.50 7.54
C THR A 26 22.99 -3.06 7.64
N THR A 27 23.63 -2.87 6.48
CA THR A 27 24.97 -2.30 6.42
C THR A 27 24.93 -0.81 6.01
N CYS A 28 23.72 -0.23 5.79
CA CYS A 28 23.48 1.15 5.39
C CYS A 28 22.36 1.71 6.28
N PRO A 29 22.57 1.80 7.62
CA PRO A 29 21.50 2.29 8.50
C PRO A 29 21.09 3.74 8.23
N HIS A 30 22.00 4.54 7.67
CA HIS A 30 21.75 5.94 7.35
C HIS A 30 20.65 6.16 6.26
N THR A 31 20.31 5.11 5.48
CA THR A 31 19.25 5.21 4.47
C THR A 31 17.84 4.80 5.00
N LEU A 32 17.67 4.72 6.33
CA LEU A 32 16.41 4.33 6.96
C LEU A 32 15.19 5.20 6.59
N PHE A 33 15.37 6.52 6.39
CA PHE A 33 14.24 7.38 5.99
C PHE A 33 13.74 7.10 4.55
N GLY A 34 14.53 6.39 3.76
CA GLY A 34 14.19 5.97 2.43
C GLY A 34 13.58 4.57 2.36
N ALA A 35 13.28 3.96 3.52
CA ALA A 35 12.65 2.63 3.59
C ALA A 35 11.25 2.61 2.97
N SER A 36 10.96 1.60 2.08
CA SER A 36 9.67 1.44 1.37
C SER A 36 8.90 0.19 1.81
N PHE A 37 9.62 -0.84 2.24
CA PHE A 37 9.02 -2.10 2.62
C PHE A 37 9.97 -2.86 3.56
N CYS A 38 9.49 -3.99 4.08
CA CYS A 38 10.30 -4.90 4.86
C CYS A 38 10.09 -6.29 4.26
N ALA A 39 11.13 -7.13 4.26
CA ALA A 39 11.02 -8.47 3.69
C ALA A 39 11.72 -9.50 4.52
N VAL A 40 11.11 -10.68 4.65
CA VAL A 40 11.66 -11.80 5.41
C VAL A 40 11.82 -13.02 4.49
N ALA A 41 12.74 -13.92 4.86
CA ALA A 41 12.97 -15.15 4.10
C ALA A 41 11.76 -16.09 4.18
N ILE A 42 11.64 -17.00 3.21
CA ILE A 42 10.54 -17.97 3.17
C ILE A 42 10.49 -18.86 4.44
N GLU A 43 11.68 -19.20 4.96
CA GLU A 43 11.85 -20.05 6.13
C GLU A 43 11.91 -19.28 7.47
N HIS A 44 11.56 -17.99 7.49
CA HIS A 44 11.62 -17.16 8.69
C HIS A 44 10.59 -17.62 9.73
N PRO A 45 10.96 -17.63 11.03
CA PRO A 45 10.01 -18.06 12.08
C PRO A 45 8.68 -17.32 12.08
N ILE A 46 8.72 -16.03 11.74
CA ILE A 46 7.55 -15.18 11.69
C ILE A 46 6.45 -15.71 10.74
N VAL A 47 6.83 -16.55 9.75
CA VAL A 47 5.91 -17.15 8.79
C VAL A 47 5.09 -18.24 9.46
N GLN A 48 5.73 -19.06 10.29
CA GLN A 48 5.04 -20.13 11.00
C GLN A 48 4.28 -19.61 12.22
N ASP A 49 4.70 -18.48 12.80
CA ASP A 49 4.08 -17.90 13.98
C ASP A 49 2.91 -16.96 13.69
N LEU A 50 3.08 -16.05 12.71
CA LEU A 50 2.04 -15.07 12.41
C LEU A 50 1.17 -15.35 11.17
N MET A 51 1.49 -16.40 10.39
CA MET A 51 0.71 -16.65 9.17
C MET A 51 0.09 -18.05 9.06
N SER A 52 -1.02 -18.12 8.30
CA SER A 52 -1.77 -19.33 8.00
C SER A 52 -0.91 -20.41 7.32
N LYS A 53 -1.34 -21.69 7.38
CA LYS A 53 -0.57 -22.77 6.75
C LYS A 53 -0.57 -22.68 5.21
N GLU A 54 -1.65 -22.10 4.63
CA GLU A 54 -1.83 -21.90 3.19
C GLU A 54 -0.73 -21.06 2.54
N ILE A 55 0.13 -20.39 3.33
CA ILE A 55 1.24 -19.59 2.80
C ILE A 55 2.16 -20.45 1.92
N GLN A 56 2.28 -21.76 2.23
CA GLN A 56 3.11 -22.68 1.45
C GLN A 56 2.60 -22.83 0.01
N ASP A 57 1.27 -22.72 -0.19
CA ASP A 57 0.72 -22.82 -1.53
C ASP A 57 1.15 -21.61 -2.38
N LEU A 58 1.18 -20.42 -1.78
CA LEU A 58 1.61 -19.19 -2.45
C LEU A 58 3.11 -19.25 -2.76
N ILE A 59 3.90 -19.77 -1.82
CA ILE A 59 5.36 -19.90 -1.95
C ILE A 59 5.72 -20.80 -3.14
N SER A 60 5.10 -21.98 -3.23
CA SER A 60 5.37 -22.92 -4.31
C SER A 60 4.98 -22.38 -5.68
N SER A 61 4.00 -21.45 -5.74
CA SER A 61 3.58 -20.87 -7.00
C SER A 61 4.59 -19.83 -7.49
N GLN A 65 8.23 -19.66 -6.65
CA GLN A 65 9.13 -20.58 -7.36
C GLN A 65 9.06 -20.41 -8.89
N GLY A 66 7.87 -20.06 -9.38
CA GLY A 66 7.61 -19.88 -10.80
C GLY A 66 8.52 -18.87 -11.48
N LYS A 67 8.60 -17.65 -10.92
CA LYS A 67 9.43 -16.61 -11.50
C LYS A 67 10.84 -16.58 -10.91
N ASN A 68 11.72 -17.47 -11.41
CA ASN A 68 13.11 -17.55 -10.96
C ASN A 68 13.95 -16.42 -11.61
N ASN A 69 15.06 -16.02 -10.94
CA ASN A 69 15.95 -14.92 -11.37
C ASN A 69 15.28 -13.52 -11.31
N GLU A 70 13.94 -13.50 -11.11
CA GLU A 70 13.12 -12.33 -11.00
C GLU A 70 12.75 -12.20 -9.51
N LYS A 71 12.97 -11.01 -8.91
CA LYS A 71 12.67 -10.68 -7.52
C LYS A 71 11.16 -10.67 -7.26
N VAL A 72 10.63 -11.77 -6.71
CA VAL A 72 9.21 -11.88 -6.41
C VAL A 72 8.95 -11.99 -4.90
N GLY A 73 7.75 -11.60 -4.49
CA GLY A 73 7.36 -11.65 -3.10
C GLY A 73 5.87 -11.70 -2.89
N ILE A 74 5.45 -12.05 -1.66
CA ILE A 74 4.04 -12.10 -1.29
C ILE A 74 3.81 -11.14 -0.12
N TYR A 75 2.77 -10.29 -0.24
CA TYR A 75 2.42 -9.38 0.83
C TYR A 75 1.79 -10.22 1.92
N THR A 76 2.34 -10.16 3.13
CA THR A 76 1.86 -10.98 4.24
C THR A 76 0.50 -10.60 4.79
N GLY A 77 0.11 -9.36 4.61
CA GLY A 77 -1.11 -8.84 5.20
C GLY A 77 -0.82 -7.97 6.43
N LEU A 78 0.45 -7.95 6.89
CA LEU A 78 0.91 -7.15 8.04
C LEU A 78 1.84 -6.00 7.61
N ASN A 79 1.78 -4.91 8.37
CA ASN A 79 2.62 -3.73 8.19
C ASN A 79 3.48 -3.53 9.43
N VAL A 80 4.61 -2.84 9.29
CA VAL A 80 5.50 -2.51 10.41
C VAL A 80 5.55 -0.99 10.53
N LYS A 81 5.65 -0.49 11.75
CA LYS A 81 5.67 0.94 12.01
C LYS A 81 7.09 1.49 11.79
N HIS A 82 7.22 2.59 11.02
CA HIS A 82 8.54 3.20 10.80
C HIS A 82 9.00 3.79 12.14
N PRO A 83 10.27 3.55 12.54
CA PRO A 83 10.73 4.04 13.85
C PRO A 83 10.75 5.55 14.05
N PHE A 84 10.93 6.34 13.00
CA PHE A 84 11.04 7.79 13.14
C PHE A 84 9.99 8.57 12.33
N LEU A 85 9.11 7.89 11.58
CA LEU A 85 8.10 8.57 10.78
C LEU A 85 6.71 8.05 11.09
N ASP A 86 5.68 8.90 11.00
CA ASP A 86 4.30 8.48 11.21
C ASP A 86 3.82 7.80 9.93
N LYS A 87 4.28 6.58 9.69
CA LYS A 87 3.92 5.82 8.52
C LYS A 87 4.19 4.34 8.72
N GLU A 88 3.54 3.51 7.93
CA GLU A 88 3.74 2.06 8.00
C GLU A 88 4.35 1.55 6.71
N LEU A 89 5.13 0.48 6.82
CA LEU A 89 5.77 -0.16 5.70
C LEU A 89 5.18 -1.55 5.55
N PRO A 90 4.81 -1.95 4.33
CA PRO A 90 4.29 -3.32 4.12
C PRO A 90 5.36 -4.41 4.32
N LEU A 91 4.97 -5.59 4.84
CA LEU A 91 5.88 -6.70 5.08
C LEU A 91 5.67 -7.86 4.08
N TYR A 92 6.75 -8.28 3.43
CA TYR A 92 6.70 -9.32 2.43
C TYR A 92 7.48 -10.57 2.78
N VAL A 93 7.11 -11.68 2.13
CA VAL A 93 7.90 -12.89 2.14
C VAL A 93 8.58 -12.81 0.75
N ALA A 94 9.91 -12.71 0.69
CA ALA A 94 10.60 -12.57 -0.59
C ALA A 94 11.54 -13.72 -0.91
N ASN A 95 11.69 -14.01 -2.20
CA ASN A 95 12.56 -15.09 -2.65
C ASN A 95 14.06 -14.72 -2.59
N PHE A 96 14.39 -13.42 -2.64
CA PHE A 96 15.79 -12.99 -2.65
C PHE A 96 16.40 -12.79 -1.24
N VAL A 97 15.62 -13.00 -0.17
CA VAL A 97 16.15 -12.87 1.18
C VAL A 97 16.58 -14.27 1.65
N LEU A 98 17.86 -14.43 2.06
CA LEU A 98 18.40 -15.72 2.50
C LEU A 98 18.25 -15.93 3.99
N MET A 99 17.60 -17.02 4.42
CA MET A 99 17.38 -17.29 5.84
C MET A 99 18.68 -17.52 6.64
N GLU A 100 19.65 -18.21 6.03
CA GLU A 100 20.93 -18.54 6.67
C GLU A 100 21.86 -17.34 6.90
N TYR A 101 21.52 -16.16 6.39
CA TYR A 101 22.37 -14.98 6.54
C TYR A 101 21.78 -13.93 7.48
N ARG A 102 22.52 -13.61 8.56
CA ARG A 102 22.15 -12.62 9.56
C ARG A 102 20.72 -12.89 10.16
N GLU A 103 19.79 -11.93 10.13
CA GLU A 103 18.44 -12.12 10.67
C GLU A 103 17.44 -12.71 9.68
N GLY A 104 17.82 -12.92 8.42
CA GLY A 104 16.90 -13.40 7.40
C GLY A 104 15.77 -12.40 7.15
N ALA A 105 16.04 -11.10 7.37
CA ALA A 105 15.06 -10.03 7.26
C ALA A 105 15.75 -8.70 6.93
N ILE A 106 15.15 -7.91 6.05
CA ILE A 106 15.72 -6.64 5.61
C ILE A 106 14.68 -5.52 5.58
N PHE A 107 15.14 -4.26 5.46
CA PHE A 107 14.31 -3.12 5.13
C PHE A 107 14.79 -2.74 3.67
N GLY A 108 13.86 -2.34 2.81
CA GLY A 108 14.20 -1.99 1.43
C GLY A 108 14.32 -0.50 1.14
N CYS A 109 15.40 -0.10 0.45
CA CYS A 109 15.61 1.27 0.01
C CYS A 109 15.80 1.30 -1.54
N PRO A 110 14.67 1.36 -2.29
CA PRO A 110 14.74 1.29 -3.76
C PRO A 110 15.51 2.37 -4.49
N ALA A 111 15.71 3.55 -3.88
CA ALA A 111 16.44 4.62 -4.56
C ALA A 111 17.97 4.38 -4.60
N HIS A 112 18.51 3.59 -3.65
CA HIS A 112 19.96 3.40 -3.58
C HIS A 112 20.43 1.92 -3.61
N ASP A 113 19.52 1.00 -3.95
CA ASP A 113 19.84 -0.44 -3.99
C ASP A 113 19.13 -1.06 -5.18
N GLN A 114 19.89 -1.67 -6.11
CA GLN A 114 19.38 -2.32 -7.33
C GLN A 114 18.35 -3.44 -7.08
N ARG A 115 18.60 -4.29 -6.09
CA ARG A 115 17.67 -5.39 -5.77
C ARG A 115 16.37 -4.85 -5.20
N ASP A 116 16.46 -3.81 -4.34
CA ASP A 116 15.27 -3.22 -3.76
C ASP A 116 14.46 -2.47 -4.82
N PHE A 117 15.14 -1.83 -5.80
CA PHE A 117 14.43 -1.16 -6.88
C PHE A 117 13.63 -2.17 -7.72
N GLU A 118 14.24 -3.30 -8.12
CA GLU A 118 13.54 -4.29 -8.93
C GLU A 118 12.31 -4.84 -8.22
N PHE A 119 12.37 -5.00 -6.90
CA PHE A 119 11.24 -5.47 -6.12
C PHE A 119 10.13 -4.37 -6.09
N ALA A 120 10.53 -3.12 -5.80
CA ALA A 120 9.57 -2.03 -5.71
C ALA A 120 8.90 -1.71 -7.04
N GLN A 121 9.62 -1.91 -8.15
CA GLN A 121 9.07 -1.67 -9.48
C GLN A 121 7.96 -2.69 -9.80
N GLU A 122 8.16 -3.93 -9.38
CA GLU A 122 7.18 -4.99 -9.59
C GLU A 122 5.88 -4.77 -8.76
N TYR A 123 6.02 -4.32 -7.52
CA TYR A 123 4.86 -4.17 -6.63
C TYR A 123 4.42 -2.73 -6.42
N ASP A 124 4.82 -1.81 -7.33
CA ASP A 124 4.46 -0.39 -7.24
C ASP A 124 4.71 0.27 -5.87
N LEU A 125 5.86 -0.03 -5.23
CA LEU A 125 6.22 0.56 -3.94
C LEU A 125 6.91 1.93 -4.14
N PRO A 126 6.81 2.87 -3.18
CA PRO A 126 7.44 4.20 -3.39
C PRO A 126 8.97 4.19 -3.50
N ILE A 127 9.50 5.17 -4.22
CA ILE A 127 10.94 5.35 -4.37
C ILE A 127 11.27 6.65 -3.71
N ILE A 128 12.05 6.60 -2.61
CA ILE A 128 12.39 7.80 -1.82
C ILE A 128 13.89 8.06 -1.80
N PRO A 129 14.37 9.04 -2.58
CA PRO A 129 15.81 9.39 -2.55
C PRO A 129 16.21 10.05 -1.24
N VAL A 130 17.41 9.70 -0.72
CA VAL A 130 17.91 10.21 0.57
C VAL A 130 19.40 10.65 0.51
N ILE A 131 20.14 10.28 -0.56
CA ILE A 131 21.55 10.63 -0.67
C ILE A 131 21.81 11.50 -1.91
N SER A 132 22.37 12.68 -1.72
CA SER A 132 22.70 13.59 -2.81
C SER A 132 24.18 13.42 -3.16
N SER A 133 24.45 12.92 -4.38
CA SER A 133 25.79 12.61 -4.87
C SER A 133 26.70 13.80 -5.10
N ALA A 134 27.89 13.72 -4.49
CA ALA A 134 28.97 14.71 -4.59
C ALA A 134 29.75 14.53 -5.92
N ILE A 138 37.76 2.42 7.01
CA ILE A 138 36.55 3.06 7.51
C ILE A 138 36.75 4.55 7.85
N GLU A 139 37.96 4.88 8.30
CA GLU A 139 38.35 6.24 8.67
C GLU A 139 39.44 6.82 7.75
N GLU A 140 39.97 6.02 6.80
CA GLU A 140 40.99 6.46 5.84
C GLU A 140 40.43 7.51 4.88
N TYR A 141 39.16 7.38 4.51
CA TYR A 141 38.48 8.30 3.62
C TYR A 141 37.14 8.73 4.21
N THR A 142 36.64 9.89 3.78
CA THR A 142 35.34 10.37 4.20
C THR A 142 34.49 10.50 2.96
N ASN A 143 33.26 9.93 3.01
CA ASN A 143 32.30 10.02 1.92
C ASN A 143 31.60 11.35 2.10
N ASN A 144 31.75 12.27 1.14
CA ASN A 144 31.15 13.60 1.27
C ASN A 144 29.73 13.77 0.66
N SER A 145 29.06 12.69 0.25
CA SER A 145 27.68 12.78 -0.24
C SER A 145 26.78 13.19 0.92
N ILE A 146 25.81 14.09 0.68
CA ILE A 146 24.95 14.70 1.69
C ILE A 146 23.55 14.04 1.81
N MET A 147 23.07 13.89 3.06
CA MET A 147 21.76 13.33 3.31
C MET A 147 20.64 14.37 3.13
N PHE A 148 19.52 13.94 2.57
CA PHE A 148 18.32 14.78 2.43
C PHE A 148 17.08 13.90 2.63
N ASN A 149 15.90 14.50 2.90
CA ASN A 149 14.65 13.74 3.18
C ASN A 149 14.77 12.84 4.41
N SER A 150 15.70 13.15 5.31
CA SER A 150 16.01 12.30 6.44
C SER A 150 15.94 12.97 7.80
N GLU A 151 15.04 13.95 7.96
CA GLU A 151 14.80 14.63 9.24
C GLU A 151 16.11 15.11 9.93
N PHE A 152 16.46 14.61 11.15
CA PHE A 152 17.67 15.02 11.90
C PHE A 152 19.00 14.69 11.20
N LEU A 153 18.97 13.89 10.12
CA LEU A 153 20.18 13.57 9.36
C LEU A 153 20.45 14.55 8.23
N ASN A 154 19.49 15.45 7.90
CA ASN A 154 19.64 16.38 6.80
C ASN A 154 20.90 17.24 6.86
N GLY A 155 21.57 17.36 5.73
CA GLY A 155 22.78 18.18 5.60
C GLY A 155 24.06 17.53 6.07
N LEU A 156 23.97 16.31 6.67
CA LEU A 156 25.15 15.59 7.15
C LEU A 156 25.75 14.77 6.01
N THR A 157 27.08 14.56 6.03
CA THR A 157 27.73 13.69 5.06
C THR A 157 27.32 12.23 5.41
N VAL A 158 27.52 11.28 4.47
CA VAL A 158 27.18 9.87 4.70
C VAL A 158 27.88 9.32 5.97
N SER A 159 29.16 9.69 6.17
CA SER A 159 29.93 9.26 7.34
C SER A 159 29.34 9.77 8.68
N GLU A 160 29.03 11.09 8.78
CA GLU A 160 28.43 11.65 9.99
C GLU A 160 27.06 11.00 10.23
N ALA A 161 26.28 10.79 9.14
CA ALA A 161 24.94 10.19 9.25
C ALA A 161 24.97 8.77 9.81
N ARG A 162 25.93 7.93 9.38
CA ARG A 162 26.05 6.57 9.92
C ARG A 162 26.24 6.60 11.44
N LYS A 163 27.01 7.57 11.95
CA LYS A 163 27.26 7.72 13.37
C LYS A 163 26.02 8.23 14.15
N VAL A 164 25.36 9.29 13.66
CA VAL A 164 24.21 9.88 14.34
C VAL A 164 22.98 8.91 14.40
N ILE A 165 22.71 8.18 13.32
CA ILE A 165 21.57 7.25 13.31
C ILE A 165 21.74 6.12 14.33
N VAL A 166 22.97 5.62 14.50
CA VAL A 166 23.25 4.56 15.45
C VAL A 166 23.05 5.05 16.88
N GLU A 167 23.54 6.28 17.20
CA GLU A 167 23.36 6.90 18.51
C GLU A 167 21.87 7.03 18.83
N LYS A 168 21.05 7.44 17.85
CA LYS A 168 19.60 7.60 18.01
C LYS A 168 18.85 6.28 18.20
N LEU A 169 19.27 5.21 17.48
CA LEU A 169 18.66 3.89 17.63
C LEU A 169 19.01 3.29 19.02
N GLU A 170 20.28 3.46 19.46
CA GLU A 170 20.75 2.97 20.76
C GLU A 170 20.06 3.71 21.90
N GLU A 171 19.96 5.05 21.77
CA GLU A 171 19.31 5.97 22.71
C GLU A 171 17.83 5.59 22.94
N LYS A 172 17.18 5.00 21.93
CA LYS A 172 15.79 4.58 22.05
C LYS A 172 15.60 3.08 22.31
N GLY A 173 16.68 2.31 22.36
CA GLY A 173 16.63 0.87 22.62
C GLY A 173 16.05 0.04 21.49
N ILE A 174 16.10 0.57 20.27
CA ILE A 174 15.58 -0.14 19.09
C ILE A 174 16.66 -0.52 18.05
N GLY A 175 17.92 -0.30 18.37
CA GLY A 175 19.03 -0.64 17.49
C GLY A 175 20.32 -0.81 18.25
N LYS A 176 21.18 -1.71 17.77
CA LYS A 176 22.48 -1.95 18.39
C LYS A 176 23.52 -2.34 17.34
N LYS A 177 24.79 -2.08 17.64
CA LYS A 177 25.88 -2.44 16.72
C LYS A 177 26.01 -3.97 16.66
N THR A 178 26.20 -4.51 15.47
CA THR A 178 26.31 -5.95 15.29
C THR A 178 27.57 -6.29 14.49
N ILE A 179 28.49 -7.06 15.11
CA ILE A 179 29.72 -7.44 14.42
C ILE A 179 29.41 -8.49 13.36
N GLU B 7 -26.18 -0.80 -17.63
CA GLU B 7 -24.92 -0.59 -18.35
C GLU B 7 -24.01 0.44 -17.64
N GLY B 8 -22.81 0.01 -17.27
CA GLY B 8 -21.86 0.84 -16.54
C GLY B 8 -20.46 0.92 -17.11
N VAL B 9 -19.49 1.32 -16.26
CA VAL B 9 -18.09 1.49 -16.62
CA VAL B 9 -18.09 1.49 -16.62
C VAL B 9 -17.15 0.69 -15.69
N THR B 10 -16.14 0.00 -16.26
CA THR B 10 -15.14 -0.74 -15.47
C THR B 10 -13.90 0.16 -15.40
N ILE B 11 -13.39 0.43 -14.18
CA ILE B 11 -12.21 1.28 -13.97
C ILE B 11 -11.07 0.52 -13.30
N GLU B 12 -9.84 0.66 -13.83
CA GLU B 12 -8.62 0.05 -13.28
C GLU B 12 -7.89 1.00 -12.34
N PHE B 13 -7.54 0.55 -11.14
CA PHE B 13 -6.79 1.31 -10.13
C PHE B 13 -5.44 0.62 -9.88
N LYS B 14 -4.36 1.41 -9.76
CA LYS B 14 -3.05 0.85 -9.46
C LYS B 14 -2.97 0.59 -7.96
N ILE B 15 -2.60 -0.65 -7.53
CA ILE B 15 -2.42 -0.95 -6.10
C ILE B 15 -0.98 -0.65 -5.71
N VAL B 16 -0.80 0.11 -4.61
CA VAL B 16 0.53 0.38 -4.07
C VAL B 16 0.83 -0.77 -3.10
N GLY B 17 1.65 -1.72 -3.54
CA GLY B 17 1.95 -2.89 -2.73
C GLY B 17 1.72 -4.22 -3.42
N LEU B 18 1.00 -4.20 -4.56
CA LEU B 18 0.70 -5.39 -5.36
C LEU B 18 0.98 -5.14 -6.85
N ASN B 19 1.37 -6.20 -7.56
CA ASN B 19 1.60 -6.12 -9.00
C ASN B 19 0.25 -6.07 -9.74
N LYS B 20 -0.75 -6.84 -9.29
CA LYS B 20 -2.04 -6.86 -9.96
C LYS B 20 -2.82 -5.53 -9.81
N LYS B 21 -3.66 -5.20 -10.80
CA LYS B 21 -4.47 -3.98 -10.74
C LYS B 21 -5.81 -4.31 -10.09
N LEU B 22 -6.56 -3.27 -9.64
CA LEU B 22 -7.89 -3.51 -9.10
C LEU B 22 -8.92 -3.01 -10.10
N LYS B 23 -9.79 -3.89 -10.59
CA LYS B 23 -10.85 -3.47 -11.49
C LYS B 23 -12.14 -3.30 -10.68
N VAL B 24 -12.79 -2.12 -10.77
CA VAL B 24 -14.07 -1.89 -10.09
C VAL B 24 -15.17 -1.59 -11.13
N PHE B 25 -16.43 -1.83 -10.76
CA PHE B 25 -17.56 -1.51 -11.63
C PHE B 25 -18.41 -0.37 -11.05
N THR B 26 -18.83 0.58 -11.91
CA THR B 26 -19.65 1.70 -11.46
C THR B 26 -20.72 2.11 -12.46
N THR B 27 -21.84 2.62 -11.93
CA THR B 27 -22.89 3.19 -12.75
C THR B 27 -22.94 4.73 -12.61
N CYS B 28 -22.02 5.34 -11.82
CA CYS B 28 -21.88 6.78 -11.59
C CYS B 28 -20.41 7.16 -11.74
N PRO B 29 -19.81 6.98 -12.95
CA PRO B 29 -18.39 7.28 -13.11
C PRO B 29 -18.03 8.76 -12.91
N HIS B 30 -18.99 9.64 -13.15
CA HIS B 30 -18.81 11.10 -12.99
C HIS B 30 -18.51 11.54 -11.53
N THR B 31 -18.78 10.69 -10.53
CA THR B 31 -18.48 11.02 -9.12
C THR B 31 -17.09 10.53 -8.67
N LEU B 32 -16.20 10.17 -9.61
CA LEU B 32 -14.88 9.65 -9.32
C LEU B 32 -13.98 10.61 -8.48
N PHE B 33 -14.10 11.95 -8.65
CA PHE B 33 -13.29 12.88 -7.84
C PHE B 33 -13.73 12.94 -6.35
N GLY B 34 -14.93 12.43 -6.04
CA GLY B 34 -15.44 12.32 -4.68
C GLY B 34 -15.07 10.99 -4.01
N ALA B 35 -14.28 10.11 -4.71
CA ALA B 35 -13.88 8.80 -4.16
C ALA B 35 -13.06 8.99 -2.85
N SER B 36 -13.46 8.28 -1.80
CA SER B 36 -12.91 8.37 -0.44
C SER B 36 -12.16 7.08 -0.02
N PHE B 37 -12.51 5.95 -0.66
CA PHE B 37 -11.99 4.63 -0.42
C PHE B 37 -12.41 3.70 -1.59
N CYS B 38 -11.90 2.45 -1.57
CA CYS B 38 -12.27 1.36 -2.49
C CYS B 38 -12.55 0.14 -1.61
N ALA B 39 -13.44 -0.76 -2.05
CA ALA B 39 -13.81 -1.93 -1.27
C ALA B 39 -14.02 -3.16 -2.11
N VAL B 40 -13.56 -4.31 -1.62
CA VAL B 40 -13.67 -5.59 -2.30
C VAL B 40 -14.44 -6.58 -1.44
N ALA B 41 -15.05 -7.59 -2.08
CA ALA B 41 -15.80 -8.63 -1.39
C ALA B 41 -14.88 -9.52 -0.52
N ILE B 42 -15.45 -10.21 0.47
CA ILE B 42 -14.69 -11.10 1.35
C ILE B 42 -13.99 -12.24 0.56
N GLU B 43 -14.66 -12.71 -0.50
CA GLU B 43 -14.19 -13.81 -1.35
C GLU B 43 -13.35 -13.33 -2.55
N HIS B 44 -12.95 -12.06 -2.60
CA HIS B 44 -12.17 -11.52 -3.72
C HIS B 44 -10.77 -12.10 -3.78
N PRO B 45 -10.25 -12.40 -4.98
CA PRO B 45 -8.88 -12.96 -5.07
C PRO B 45 -7.80 -12.21 -4.27
N ILE B 46 -7.94 -10.90 -4.03
CA ILE B 46 -6.98 -10.13 -3.23
C ILE B 46 -7.02 -10.56 -1.76
N VAL B 47 -8.24 -10.63 -1.18
CA VAL B 47 -8.44 -10.96 0.22
C VAL B 47 -7.99 -12.36 0.56
N GLN B 48 -8.30 -13.31 -0.33
CA GLN B 48 -7.92 -14.70 -0.16
C GLN B 48 -6.40 -14.95 -0.18
N ASP B 49 -5.61 -13.96 -0.61
CA ASP B 49 -4.15 -14.07 -0.62
C ASP B 49 -3.48 -13.50 0.64
N LEU B 50 -4.24 -12.79 1.50
CA LEU B 50 -3.70 -12.25 2.75
C LEU B 50 -3.62 -13.40 3.78
N MET B 51 -2.40 -13.87 4.07
CA MET B 51 -2.20 -15.00 4.96
C MET B 51 -2.01 -14.68 6.42
N SER B 52 -2.12 -13.42 6.85
CA SER B 52 -1.94 -13.08 8.26
C SER B 52 -3.03 -13.74 9.12
N LYS B 53 -2.61 -14.39 10.22
CA LYS B 53 -3.52 -15.07 11.14
C LYS B 53 -4.51 -14.08 11.76
N GLU B 54 -4.02 -12.87 12.10
CA GLU B 54 -4.85 -11.83 12.70
C GLU B 54 -5.88 -11.30 11.73
N ILE B 55 -5.49 -11.05 10.46
CA ILE B 55 -6.43 -10.51 9.47
C ILE B 55 -7.48 -11.55 9.08
N GLN B 56 -7.13 -12.85 9.05
CA GLN B 56 -8.09 -13.91 8.74
C GLN B 56 -9.12 -14.09 9.88
N ASP B 57 -8.70 -13.84 11.14
CA ASP B 57 -9.60 -13.91 12.29
C ASP B 57 -10.63 -12.78 12.21
N LEU B 58 -10.21 -11.58 11.79
CA LEU B 58 -11.11 -10.44 11.66
C LEU B 58 -12.13 -10.65 10.55
N ILE B 59 -11.69 -11.22 9.43
CA ILE B 59 -12.53 -11.50 8.27
C ILE B 59 -13.64 -12.50 8.61
N SER B 60 -13.28 -13.60 9.26
CA SER B 60 -14.26 -14.62 9.63
C SER B 60 -15.30 -14.11 10.64
N SER B 61 -14.95 -13.10 11.45
CA SER B 61 -15.89 -12.50 12.40
C SER B 61 -16.91 -11.63 11.68
N ILE B 62 -16.45 -10.89 10.66
CA ILE B 62 -17.28 -10.03 9.82
C ILE B 62 -18.17 -10.85 8.86
N LYS B 63 -17.75 -12.08 8.51
CA LYS B 63 -18.53 -12.97 7.66
C LYS B 63 -19.84 -13.35 8.33
N ILE B 64 -19.81 -13.59 9.66
CA ILE B 64 -21.00 -13.95 10.45
C ILE B 64 -21.96 -12.76 10.61
N GLN B 65 -21.41 -11.55 10.70
CA GLN B 65 -22.15 -10.30 10.87
C GLN B 65 -23.11 -10.00 9.70
N GLY B 66 -22.61 -10.08 8.47
CA GLY B 66 -23.38 -9.82 7.26
C GLY B 66 -24.39 -10.90 6.93
N GLU B 70 -26.22 -3.47 8.36
CA GLU B 70 -24.92 -3.37 8.99
C GLU B 70 -23.77 -3.32 7.97
N LYS B 71 -23.01 -2.19 7.94
CA LYS B 71 -21.88 -2.06 7.02
C LYS B 71 -20.53 -2.09 7.75
N VAL B 72 -19.91 -3.27 7.84
CA VAL B 72 -18.62 -3.42 8.49
C VAL B 72 -17.52 -3.84 7.51
N GLY B 73 -16.27 -3.53 7.86
CA GLY B 73 -15.14 -3.86 7.00
C GLY B 73 -13.81 -3.88 7.71
N ILE B 74 -12.75 -4.27 6.99
CA ILE B 74 -11.39 -4.34 7.52
C ILE B 74 -10.43 -3.64 6.57
N TYR B 75 -9.56 -2.78 7.08
CA TYR B 75 -8.53 -2.15 6.26
C TYR B 75 -7.50 -3.22 5.90
N THR B 76 -7.26 -3.40 4.60
CA THR B 76 -6.33 -4.43 4.12
C THR B 76 -4.86 -4.16 4.41
N GLY B 77 -4.50 -2.90 4.61
CA GLY B 77 -3.11 -2.51 4.79
C GLY B 77 -2.52 -1.90 3.53
N LEU B 78 -3.27 -1.96 2.39
CA LEU B 78 -2.84 -1.42 1.11
C LEU B 78 -3.73 -0.23 0.68
N ASN B 79 -3.14 0.66 -0.12
CA ASN B 79 -3.84 1.79 -0.71
C ASN B 79 -3.79 1.66 -2.23
N VAL B 80 -4.67 2.37 -2.92
CA VAL B 80 -4.66 2.40 -4.38
C VAL B 80 -4.41 3.85 -4.82
N LYS B 81 -3.92 4.03 -6.03
CA LYS B 81 -3.63 5.35 -6.56
C LYS B 81 -4.89 5.91 -7.29
N HIS B 82 -5.30 7.15 -6.98
CA HIS B 82 -6.42 7.77 -7.67
C HIS B 82 -6.00 8.03 -9.13
N PRO B 83 -6.86 7.70 -10.11
CA PRO B 83 -6.46 7.87 -11.52
C PRO B 83 -6.19 9.28 -12.01
N PHE B 84 -6.82 10.29 -11.42
CA PHE B 84 -6.64 11.67 -11.87
C PHE B 84 -6.13 12.63 -10.80
N LEU B 85 -5.91 12.15 -9.57
CA LEU B 85 -5.43 13.01 -8.50
C LEU B 85 -4.18 12.45 -7.89
N ASP B 86 -3.27 13.33 -7.42
CA ASP B 86 -2.05 12.87 -6.75
C ASP B 86 -2.41 12.53 -5.31
N LYS B 87 -3.09 11.41 -5.12
CA LYS B 87 -3.50 10.96 -3.80
C LYS B 87 -3.82 9.46 -3.81
N GLU B 88 -3.80 8.85 -2.64
CA GLU B 88 -4.13 7.44 -2.49
C GLU B 88 -5.42 7.25 -1.68
N LEU B 89 -6.14 6.16 -1.96
CA LEU B 89 -7.38 5.84 -1.24
C LEU B 89 -7.14 4.52 -0.51
N PRO B 90 -7.58 4.39 0.74
CA PRO B 90 -7.45 3.09 1.44
C PRO B 90 -8.31 1.97 0.82
N LEU B 91 -7.77 0.76 0.69
CA LEU B 91 -8.49 -0.41 0.18
C LEU B 91 -9.02 -1.27 1.35
N TYR B 92 -10.33 -1.54 1.37
CA TYR B 92 -10.96 -2.30 2.46
C TYR B 92 -11.60 -3.58 1.97
N VAL B 93 -11.85 -4.53 2.91
CA VAL B 93 -12.65 -5.72 2.66
C VAL B 93 -14.01 -5.35 3.30
N ALA B 94 -15.12 -5.41 2.55
CA ALA B 94 -16.41 -5.00 3.10
C ALA B 94 -17.45 -6.12 3.00
N ASN B 95 -18.33 -6.25 4.01
CA ASN B 95 -19.38 -7.27 4.02
C ASN B 95 -20.52 -6.96 3.04
N PHE B 96 -20.72 -5.67 2.66
CA PHE B 96 -21.80 -5.28 1.76
C PHE B 96 -21.46 -5.38 0.26
N VAL B 97 -20.24 -5.78 -0.09
CA VAL B 97 -19.85 -5.94 -1.49
C VAL B 97 -20.05 -7.43 -1.84
N LEU B 98 -20.88 -7.74 -2.85
CA LEU B 98 -21.16 -9.11 -3.24
C LEU B 98 -20.18 -9.62 -4.30
N MET B 99 -19.50 -10.75 -4.03
CA MET B 99 -18.52 -11.29 -4.97
C MET B 99 -19.11 -11.73 -6.31
N GLU B 100 -20.30 -12.31 -6.29
CA GLU B 100 -21.00 -12.82 -7.48
C GLU B 100 -21.54 -11.73 -8.42
N TYR B 101 -21.47 -10.45 -8.04
CA TYR B 101 -21.97 -9.37 -8.87
C TYR B 101 -20.86 -8.51 -9.46
N ARG B 102 -20.82 -8.43 -10.80
CA ARG B 102 -19.85 -7.65 -11.56
C ARG B 102 -18.40 -8.00 -11.15
N GLU B 103 -17.55 -7.02 -10.75
CA GLU B 103 -16.17 -7.30 -10.38
C GLU B 103 -15.94 -7.64 -8.91
N GLY B 104 -16.99 -7.60 -8.09
CA GLY B 104 -16.87 -7.81 -6.66
C GLY B 104 -16.00 -6.75 -5.99
N ALA B 105 -16.01 -5.53 -6.55
CA ALA B 105 -15.19 -4.41 -6.12
C ALA B 105 -15.82 -3.07 -6.52
N ILE B 106 -15.77 -2.09 -5.64
CA ILE B 106 -16.34 -0.77 -5.90
C ILE B 106 -15.37 0.36 -5.48
N PHE B 107 -15.68 1.60 -5.89
CA PHE B 107 -15.03 2.80 -5.33
C PHE B 107 -16.18 3.46 -4.51
N GLY B 108 -15.86 4.03 -3.35
CA GLY B 108 -16.86 4.65 -2.49
C GLY B 108 -16.92 6.17 -2.51
N CYS B 109 -18.13 6.72 -2.75
CA CYS B 109 -18.44 8.15 -2.76
C CYS B 109 -19.47 8.47 -1.66
N PRO B 110 -19.02 8.70 -0.42
CA PRO B 110 -19.94 8.92 0.70
C PRO B 110 -20.89 10.11 0.63
N ALA B 111 -20.57 11.15 -0.16
CA ALA B 111 -21.44 12.31 -0.24
C ALA B 111 -22.72 12.06 -1.06
N HIS B 112 -22.68 11.10 -2.02
CA HIS B 112 -23.81 10.86 -2.92
C HIS B 112 -24.33 9.41 -2.95
N ASP B 113 -23.90 8.58 -1.98
CA ASP B 113 -24.34 7.20 -1.91
C ASP B 113 -24.54 6.84 -0.44
N GLN B 114 -25.76 6.43 -0.07
CA GLN B 114 -26.16 6.01 1.28
C GLN B 114 -25.30 4.89 1.89
N ARG B 115 -24.99 3.84 1.11
CA ARG B 115 -24.21 2.73 1.64
CA ARG B 115 -24.20 2.72 1.61
C ARG B 115 -22.76 3.15 1.86
N ASP B 116 -22.22 4.00 0.97
CA ASP B 116 -20.86 4.48 1.15
C ASP B 116 -20.76 5.44 2.32
N PHE B 117 -21.81 6.24 2.56
CA PHE B 117 -21.80 7.12 3.72
C PHE B 117 -21.76 6.30 5.03
N GLU B 118 -22.61 5.27 5.15
CA GLU B 118 -22.65 4.46 6.37
C GLU B 118 -21.32 3.79 6.66
N PHE B 119 -20.61 3.35 5.61
CA PHE B 119 -19.30 2.72 5.75
C PHE B 119 -18.23 3.77 6.12
N ALA B 120 -18.28 4.99 5.55
CA ALA B 120 -17.31 6.04 5.86
C ALA B 120 -17.54 6.63 7.25
N GLN B 121 -18.79 6.67 7.73
CA GLN B 121 -19.12 7.19 9.05
C GLN B 121 -18.54 6.28 10.14
N GLU B 122 -18.57 4.97 9.92
CA GLU B 122 -18.05 4.01 10.85
C GLU B 122 -16.51 4.07 10.96
N TYR B 123 -15.82 4.23 9.82
CA TYR B 123 -14.36 4.21 9.81
C TYR B 123 -13.73 5.60 9.67
N ASP B 124 -14.47 6.67 9.96
CA ASP B 124 -14.02 8.06 9.88
C ASP B 124 -13.31 8.43 8.55
N LEU B 125 -13.86 8.00 7.40
CA LEU B 125 -13.31 8.33 6.08
C LEU B 125 -13.84 9.68 5.57
N PRO B 126 -13.08 10.41 4.74
CA PRO B 126 -13.56 11.74 4.26
C PRO B 126 -14.84 11.75 3.41
N ILE B 127 -15.57 12.86 3.49
CA ILE B 127 -16.78 13.06 2.73
C ILE B 127 -16.51 14.20 1.77
N ILE B 128 -16.52 13.92 0.45
CA ILE B 128 -16.21 14.91 -0.57
C ILE B 128 -17.38 15.15 -1.53
N PRO B 129 -18.13 16.27 -1.35
CA PRO B 129 -19.22 16.58 -2.27
C PRO B 129 -18.72 16.97 -3.67
N VAL B 130 -19.43 16.51 -4.72
CA VAL B 130 -19.05 16.76 -6.12
C VAL B 130 -20.24 17.17 -7.00
N ILE B 131 -21.50 17.02 -6.52
CA ILE B 131 -22.66 17.37 -7.32
C ILE B 131 -23.49 18.46 -6.64
N SER B 132 -23.71 19.57 -7.33
CA SER B 132 -24.50 20.67 -6.82
C SER B 132 -25.93 20.55 -7.37
N SER B 133 -26.91 20.26 -6.49
CA SER B 133 -28.32 20.04 -6.84
C SER B 133 -29.02 21.30 -7.36
N GLU B 139 -31.58 9.55 -22.55
CA GLU B 139 -31.42 10.68 -23.47
C GLU B 139 -32.66 11.57 -23.60
N GLU B 140 -33.83 11.10 -23.15
CA GLU B 140 -35.07 11.87 -23.20
C GLU B 140 -35.08 13.05 -22.23
N TYR B 141 -34.35 12.92 -21.11
CA TYR B 141 -34.21 13.94 -20.09
C TYR B 141 -32.73 14.25 -19.81
N THR B 142 -32.47 15.48 -19.39
CA THR B 142 -31.13 15.92 -19.07
C THR B 142 -31.15 16.30 -17.60
N ASN B 143 -30.17 15.78 -16.85
CA ASN B 143 -29.99 16.09 -15.44
C ASN B 143 -29.19 17.37 -15.42
N ASN B 144 -29.77 18.46 -14.90
CA ASN B 144 -29.09 19.75 -14.89
C ASN B 144 -28.22 20.06 -13.65
N SER B 145 -28.00 19.09 -12.76
CA SER B 145 -27.13 19.31 -11.60
C SER B 145 -25.69 19.49 -12.08
N ILE B 146 -24.95 20.42 -11.47
CA ILE B 146 -23.61 20.83 -11.88
C ILE B 146 -22.47 20.17 -11.06
N MET B 147 -21.40 19.76 -11.74
CA MET B 147 -20.24 19.17 -11.08
C MET B 147 -19.32 20.24 -10.47
N PHE B 148 -18.78 19.96 -9.30
CA PHE B 148 -17.79 20.82 -8.63
C PHE B 148 -16.76 19.92 -7.91
N ASN B 149 -15.57 20.46 -7.55
CA ASN B 149 -14.49 19.68 -6.91
C ASN B 149 -13.99 18.54 -7.82
N SER B 150 -14.20 18.65 -9.14
CA SER B 150 -13.92 17.57 -10.07
C SER B 150 -13.02 17.94 -11.23
N GLU B 151 -12.06 18.86 -11.01
CA GLU B 151 -11.07 19.26 -12.02
C GLU B 151 -11.69 19.57 -13.42
N PHE B 152 -11.35 18.81 -14.51
CA PHE B 152 -11.87 19.04 -15.87
C PHE B 152 -13.38 18.85 -16.02
N LEU B 153 -14.06 18.30 -15.00
CA LEU B 153 -15.51 18.13 -15.04
C LEU B 153 -16.26 19.34 -14.46
N ASN B 154 -15.57 20.29 -13.81
CA ASN B 154 -16.21 21.44 -13.18
C ASN B 154 -17.09 22.24 -14.11
N GLY B 155 -18.27 22.61 -13.62
CA GLY B 155 -19.22 23.41 -14.39
C GLY B 155 -20.07 22.65 -15.38
N LEU B 156 -19.80 21.36 -15.59
CA LEU B 156 -20.57 20.53 -16.51
C LEU B 156 -21.80 19.96 -15.81
N THR B 157 -22.86 19.69 -16.57
CA THR B 157 -24.04 19.04 -16.02
C THR B 157 -23.68 17.57 -15.75
N VAL B 158 -24.51 16.86 -14.98
CA VAL B 158 -24.26 15.44 -14.71
C VAL B 158 -24.20 14.63 -16.02
N SER B 159 -25.08 14.94 -16.99
CA SER B 159 -25.10 14.27 -18.29
C SER B 159 -23.82 14.50 -19.11
N GLU B 160 -23.37 15.77 -19.26
CA GLU B 160 -22.12 16.06 -19.97
C GLU B 160 -20.95 15.38 -19.26
N ALA B 161 -20.93 15.42 -17.91
CA ALA B 161 -19.85 14.81 -17.12
C ALA B 161 -19.74 13.31 -17.31
N ARG B 162 -20.86 12.56 -17.38
CA ARG B 162 -20.82 11.11 -17.62
C ARG B 162 -20.14 10.81 -18.95
N LYS B 163 -20.37 11.64 -19.97
CA LYS B 163 -19.77 11.47 -21.28
C LYS B 163 -18.26 11.81 -21.31
N VAL B 164 -17.86 12.96 -20.73
CA VAL B 164 -16.47 13.39 -20.72
C VAL B 164 -15.55 12.44 -19.91
N ILE B 165 -16.00 11.96 -18.74
CA ILE B 165 -15.18 11.07 -17.91
C ILE B 165 -14.91 9.74 -18.62
N VAL B 166 -15.89 9.21 -19.37
CA VAL B 166 -15.72 7.95 -20.09
C VAL B 166 -14.71 8.10 -21.21
N GLU B 167 -14.80 9.22 -21.97
CA GLU B 167 -13.85 9.53 -23.05
C GLU B 167 -12.44 9.61 -22.48
N LYS B 168 -12.29 10.25 -21.30
CA LYS B 168 -11.02 10.41 -20.61
C LYS B 168 -10.43 9.08 -20.15
N LEU B 169 -11.25 8.20 -19.55
CA LEU B 169 -10.81 6.87 -19.09
C LEU B 169 -10.38 6.00 -20.28
N GLU B 170 -11.15 6.04 -21.39
CA GLU B 170 -10.87 5.26 -22.60
C GLU B 170 -9.59 5.76 -23.27
N GLU B 171 -9.45 7.08 -23.39
CA GLU B 171 -8.30 7.80 -23.96
C GLU B 171 -7.00 7.45 -23.22
N LYS B 172 -7.09 7.12 -21.92
CA LYS B 172 -5.92 6.74 -21.12
C LYS B 172 -5.75 5.22 -20.93
N GLY B 173 -6.68 4.42 -21.42
CA GLY B 173 -6.62 2.97 -21.33
C GLY B 173 -6.88 2.40 -19.94
N ILE B 174 -7.56 3.15 -19.08
CA ILE B 174 -7.88 2.66 -17.73
C ILE B 174 -9.36 2.43 -17.47
N GLY B 175 -10.21 2.67 -18.44
CA GLY B 175 -11.64 2.48 -18.32
C GLY B 175 -12.29 2.12 -19.64
N LYS B 176 -13.35 1.31 -19.58
CA LYS B 176 -14.08 0.92 -20.79
C LYS B 176 -15.56 0.73 -20.47
N LYS B 177 -16.42 0.89 -21.48
CA LYS B 177 -17.86 0.69 -21.29
C LYS B 177 -18.14 -0.80 -21.07
N THR B 178 -19.03 -1.13 -20.14
CA THR B 178 -19.34 -2.51 -19.81
C THR B 178 -20.84 -2.77 -19.89
N ILE B 179 -21.24 -3.70 -20.77
CA ILE B 179 -22.64 -4.07 -20.91
C ILE B 179 -23.17 -4.82 -19.68
#